data_3VVC
#
_entry.id   3VVC
#
_cell.length_a   160.540
_cell.length_b   160.540
_cell.length_c   80.050
_cell.angle_alpha   90.00
_cell.angle_beta   90.00
_cell.angle_gamma   120.00
#
_symmetry.space_group_name_H-M   'H 3 2'
#
loop_
_entity.id
_entity.type
_entity.pdbx_description
1 polymer 'Capsular polysaccharide synthesis enzyme Cap8E'
2 non-polymer 'NADP NICOTINAMIDE-ADENINE-DINUCLEOTIDE PHOSPHATE'
3 non-polymer 'SULFATE ION'
4 water water
#
_entity_poly.entity_id   1
_entity_poly.type   'polypeptide(L)'
_entity_poly.pdbx_seq_one_letter_code
;MNHKHHHHHHSSGLVPRGSAMGFDDKILLITGGTGSFGNAVMKRFLDSNIKEIRIFSRDEKKQDDIRKKYNNSKLKFYIG
DVRDSQSVETAMRDVDYVFHAAALKQVPSCEFFPVEAVKTNIIGTENVLQSAIHQNVKKVICLSTDEAAYPINAMGISKA
MMEKVFVAKSRNIRSEQTLICGTRYGNVMASRGSVIPLFIDKIKAGEPLTITDPDMTRFLMSLEDAVELVVHAFKHAETG
DIMVQKAPSSTVGDLATALLELFEADNAIEIIGTRHGEKKAETLLTREEYAQCEDMGDYFRVPADSRDLNYSNYVETGNE
KITQSYEYNSDNTHILTVEEIKEKLLTLEYVRNELNDYKASMR
;
_entity_poly.pdbx_strand_id   A
#
# COMPACT_ATOMS: atom_id res chain seq x y z
N MET A 21 15.96 12.27 -7.25
CA MET A 21 16.59 11.26 -6.35
C MET A 21 17.95 10.86 -7.00
N GLY A 22 18.88 10.25 -6.25
CA GLY A 22 18.59 9.51 -4.99
C GLY A 22 18.43 8.02 -5.30
N PHE A 23 17.54 7.71 -6.25
CA PHE A 23 17.59 6.44 -7.01
C PHE A 23 18.60 6.50 -8.17
N ASP A 24 19.23 7.67 -8.39
CA ASP A 24 20.24 7.83 -9.47
C ASP A 24 21.18 6.62 -9.64
N ASP A 25 21.08 5.97 -10.79
CA ASP A 25 21.95 4.86 -11.17
C ASP A 25 21.78 3.58 -10.33
N LYS A 26 20.69 3.46 -9.56
CA LYS A 26 20.55 2.33 -8.69
C LYS A 26 19.58 1.34 -9.28
N ILE A 27 19.48 0.18 -8.67
CA ILE A 27 18.63 -0.86 -9.16
C ILE A 27 17.64 -1.17 -8.05
N LEU A 28 16.37 -1.10 -8.36
CA LEU A 28 15.31 -1.23 -7.38
C LEU A 28 14.59 -2.44 -7.85
N LEU A 29 14.26 -3.33 -6.93
CA LEU A 29 13.45 -4.49 -7.21
C LEU A 29 12.15 -4.28 -6.44
N ILE A 30 11.03 -4.65 -7.05
CA ILE A 30 9.73 -4.55 -6.46
C ILE A 30 9.13 -5.95 -6.50
N THR A 31 8.95 -6.60 -5.36
CA THR A 31 8.15 -7.83 -5.43
C THR A 31 6.69 -7.45 -5.35
N GLY A 32 5.80 -8.30 -5.81
CA GLY A 32 4.44 -7.84 -6.00
C GLY A 32 4.33 -6.58 -6.88
N GLY A 33 5.21 -6.48 -7.87
CA GLY A 33 5.29 -5.22 -8.62
C GLY A 33 4.33 -5.04 -9.76
N THR A 34 3.46 -6.03 -10.02
CA THR A 34 2.62 -6.05 -11.21
C THR A 34 1.30 -5.46 -10.76
N GLY A 35 1.36 -4.86 -9.57
CA GLY A 35 0.17 -4.24 -9.02
C GLY A 35 -0.15 -2.81 -9.41
N SER A 36 -1.16 -2.30 -8.72
CA SER A 36 -1.42 -0.90 -8.62
C SER A 36 -0.18 -0.15 -8.16
N PHE A 37 0.33 -0.57 -7.01
CA PHE A 37 1.53 -0.02 -6.39
C PHE A 37 2.73 0.00 -7.33
N GLY A 38 3.09 -1.16 -7.88
CA GLY A 38 4.29 -1.28 -8.72
C GLY A 38 4.10 -0.33 -9.87
N ASN A 39 2.89 -0.33 -10.44
CA ASN A 39 2.65 0.58 -11.53
C ASN A 39 2.87 2.06 -11.18
N ALA A 40 2.46 2.44 -9.97
CA ALA A 40 2.61 3.85 -9.51
C ALA A 40 4.10 4.16 -9.40
N VAL A 41 4.83 3.20 -8.86
CA VAL A 41 6.24 3.38 -8.68
C VAL A 41 6.90 3.56 -10.06
N MET A 42 6.51 2.73 -11.03
CA MET A 42 7.11 2.85 -12.37
C MET A 42 6.84 4.21 -13.06
N LYS A 43 5.59 4.68 -12.98
CA LYS A 43 5.21 5.98 -13.55
C LYS A 43 6.08 7.08 -12.99
N ARG A 44 6.26 7.04 -11.68
CA ARG A 44 6.91 8.16 -11.02
C ARG A 44 8.42 8.07 -11.27
N PHE A 45 8.96 6.86 -11.45
CA PHE A 45 10.38 6.71 -11.41
C PHE A 45 11.04 6.30 -12.69
N LEU A 46 10.29 5.67 -13.59
CA LEU A 46 10.90 5.15 -14.81
C LEU A 46 11.69 6.25 -15.52
N ASP A 47 11.08 7.41 -15.73
CA ASP A 47 11.80 8.46 -16.45
C ASP A 47 12.82 9.21 -15.56
N SER A 48 13.35 8.55 -14.53
CA SER A 48 14.36 9.21 -13.69
C SER A 48 15.78 8.73 -14.04
N ASN A 49 16.72 8.98 -13.12
CA ASN A 49 18.12 8.58 -13.31
C ASN A 49 18.38 7.14 -12.82
N ILE A 50 17.31 6.45 -12.39
CA ILE A 50 17.40 5.08 -11.89
C ILE A 50 17.99 4.23 -13.00
N LYS A 51 18.83 3.26 -12.70
CA LYS A 51 19.40 2.35 -13.71
C LYS A 51 18.43 1.22 -14.11
N GLU A 52 17.66 0.66 -13.19
CA GLU A 52 16.70 -0.39 -13.55
C GLU A 52 15.63 -0.49 -12.48
N ILE A 53 14.46 -1.00 -12.89
CA ILE A 53 13.39 -1.35 -11.96
C ILE A 53 13.07 -2.76 -12.38
N ARG A 54 13.18 -3.67 -11.44
CA ARG A 54 12.94 -5.05 -11.75
C ARG A 54 11.60 -5.42 -11.13
N ILE A 55 10.81 -6.21 -11.85
CA ILE A 55 9.49 -6.48 -11.45
C ILE A 55 9.47 -8.01 -11.28
N PHE A 56 9.27 -8.43 -10.05
CA PHE A 56 9.44 -9.82 -9.69
C PHE A 56 8.13 -10.45 -9.37
N SER A 57 7.70 -11.40 -10.17
CA SER A 57 6.46 -12.05 -9.81
C SER A 57 6.25 -13.28 -10.68
N ARG A 58 5.19 -14.01 -10.42
CA ARG A 58 4.84 -15.26 -11.18
C ARG A 58 4.01 -15.07 -12.46
N ASP A 59 3.44 -13.90 -12.67
CA ASP A 59 2.47 -13.80 -13.74
C ASP A 59 3.04 -13.20 -15.01
N GLU A 60 3.19 -14.03 -16.04
CA GLU A 60 3.94 -13.66 -17.25
C GLU A 60 3.04 -12.73 -18.05
N LYS A 61 1.73 -13.01 -17.99
CA LYS A 61 0.73 -12.19 -18.63
C LYS A 61 0.81 -10.69 -18.25
N LYS A 62 0.63 -10.41 -16.96
CA LYS A 62 0.69 -9.06 -16.46
C LYS A 62 2.03 -8.41 -16.80
N GLN A 63 3.14 -9.15 -16.67
CA GLN A 63 4.49 -8.67 -16.89
C GLN A 63 4.64 -8.29 -18.33
N ASP A 64 4.14 -9.15 -19.20
CA ASP A 64 4.04 -8.81 -20.60
C ASP A 64 3.20 -7.53 -20.92
N ASP A 65 2.00 -7.38 -20.36
CA ASP A 65 1.20 -6.14 -20.55
C ASP A 65 2.02 -4.91 -20.11
N ILE A 66 2.68 -5.02 -18.96
CA ILE A 66 3.40 -3.90 -18.43
C ILE A 66 4.60 -3.58 -19.31
N ARG A 67 5.25 -4.63 -19.81
CA ARG A 67 6.32 -4.46 -20.76
C ARG A 67 5.81 -3.67 -21.95
N LYS A 68 4.69 -4.11 -22.51
CA LYS A 68 4.15 -3.47 -23.71
C LYS A 68 3.62 -2.09 -23.45
N LYS A 69 3.30 -1.77 -22.21
CA LYS A 69 2.71 -0.50 -21.86
C LYS A 69 3.81 0.54 -21.79
N TYR A 70 4.95 0.23 -21.20
CA TYR A 70 5.98 1.20 -21.05
C TYR A 70 7.07 1.15 -22.13
N ASN A 71 7.24 0.02 -22.82
CA ASN A 71 8.35 -0.04 -23.79
C ASN A 71 9.66 0.64 -23.38
N ASN A 72 10.07 0.32 -22.15
CA ASN A 72 11.23 0.87 -21.49
C ASN A 72 12.36 -0.13 -21.20
N SER A 73 13.57 0.14 -21.69
CA SER A 73 14.64 -0.86 -21.55
C SER A 73 15.16 -1.02 -20.10
N LYS A 74 14.77 -0.10 -19.21
CA LYS A 74 15.09 -0.19 -17.78
C LYS A 74 14.12 -1.04 -16.97
N LEU A 75 12.95 -1.35 -17.52
CA LEU A 75 12.07 -2.27 -16.82
C LEU A 75 12.61 -3.65 -17.10
N LYS A 76 13.06 -4.36 -16.05
CA LYS A 76 13.49 -5.74 -16.19
C LYS A 76 12.46 -6.65 -15.51
N PHE A 77 12.02 -7.74 -16.13
CA PHE A 77 11.01 -8.62 -15.51
C PHE A 77 11.60 -10.00 -15.11
N TYR A 78 11.38 -10.43 -13.89
CA TYR A 78 11.90 -11.67 -13.39
C TYR A 78 10.72 -12.57 -13.02
N ILE A 79 10.74 -13.79 -13.51
CA ILE A 79 9.73 -14.82 -13.11
C ILE A 79 10.20 -15.58 -11.82
N GLY A 80 9.33 -15.61 -10.82
CA GLY A 80 9.60 -16.39 -9.61
C GLY A 80 8.63 -15.96 -8.52
N ASP A 81 8.82 -16.45 -7.32
CA ASP A 81 7.93 -16.03 -6.28
C ASP A 81 8.63 -16.02 -4.97
N VAL A 82 7.99 -15.40 -3.99
CA VAL A 82 8.74 -15.15 -2.73
C VAL A 82 8.86 -16.43 -1.88
N ARG A 83 8.02 -17.43 -2.18
CA ARG A 83 8.09 -18.74 -1.47
C ARG A 83 9.31 -19.48 -2.00
N ASP A 84 9.88 -19.03 -3.16
CA ASP A 84 10.98 -19.77 -3.88
C ASP A 84 12.26 -18.94 -3.86
N SER A 85 13.16 -19.28 -2.95
CA SER A 85 14.35 -18.51 -2.64
C SER A 85 15.37 -18.45 -3.75
N GLN A 86 15.44 -19.56 -4.46
CA GLN A 86 16.20 -19.63 -5.68
C GLN A 86 15.80 -18.53 -6.65
N SER A 87 14.50 -18.54 -6.98
CA SER A 87 13.97 -17.59 -7.92
C SER A 87 14.20 -16.14 -7.32
N VAL A 88 14.08 -15.96 -6.00
CA VAL A 88 14.42 -14.60 -5.38
C VAL A 88 15.87 -14.20 -5.60
N GLU A 89 16.76 -15.19 -5.38
CA GLU A 89 18.20 -14.88 -5.40
C GLU A 89 18.61 -14.34 -6.76
N THR A 90 18.06 -14.97 -7.80
CA THR A 90 18.28 -14.46 -9.17
C THR A 90 17.81 -13.02 -9.34
N ALA A 91 16.60 -12.72 -8.88
CA ALA A 91 16.13 -11.34 -8.97
C ALA A 91 16.94 -10.33 -8.14
N MET A 92 17.67 -10.80 -7.12
CA MET A 92 18.17 -9.94 -6.07
C MET A 92 19.62 -9.52 -6.38
N ARG A 93 20.25 -10.32 -7.22
CA ARG A 93 21.62 -10.20 -7.43
C ARG A 93 21.89 -8.77 -8.00
N ASP A 94 22.74 -8.01 -7.29
CA ASP A 94 23.21 -6.66 -7.68
C ASP A 94 22.15 -5.60 -7.35
N VAL A 95 21.05 -5.99 -6.68
CA VAL A 95 20.01 -5.00 -6.34
C VAL A 95 20.40 -4.03 -5.22
N ASP A 96 20.12 -2.74 -5.37
CA ASP A 96 20.37 -1.75 -4.29
C ASP A 96 19.26 -1.65 -3.23
N TYR A 97 17.99 -1.54 -3.65
CA TYR A 97 16.86 -1.31 -2.77
C TYR A 97 15.73 -2.27 -3.15
N VAL A 98 14.92 -2.69 -2.20
CA VAL A 98 13.78 -3.57 -2.48
C VAL A 98 12.55 -2.90 -1.88
N PHE A 99 11.41 -2.84 -2.62
CA PHE A 99 10.14 -2.50 -2.01
C PHE A 99 9.43 -3.83 -2.02
N HIS A 100 9.09 -4.34 -0.84
CA HIS A 100 8.64 -5.69 -0.77
C HIS A 100 7.17 -5.61 -0.66
N ALA A 101 6.45 -5.80 -1.78
CA ALA A 101 4.97 -5.74 -1.77
C ALA A 101 4.27 -7.04 -2.06
N ALA A 102 4.98 -8.11 -2.36
CA ALA A 102 4.23 -9.37 -2.71
C ALA A 102 3.44 -9.84 -1.49
N ALA A 103 2.20 -10.34 -1.64
CA ALA A 103 1.49 -10.80 -0.49
C ALA A 103 0.18 -11.43 -0.97
N LEU A 104 -0.42 -12.28 -0.16
CA LEU A 104 -1.82 -12.75 -0.43
C LEU A 104 -2.66 -11.83 0.46
N LYS A 105 -3.34 -10.85 -0.14
CA LYS A 105 -3.87 -9.71 0.62
C LYS A 105 -5.39 -9.69 0.79
N GLN A 106 -6.13 -10.63 0.24
CA GLN A 106 -7.58 -10.58 0.38
C GLN A 106 -8.06 -11.38 1.57
N VAL A 107 -9.06 -10.85 2.26
CA VAL A 107 -9.54 -11.48 3.48
C VAL A 107 -10.03 -12.89 3.24
N PRO A 108 -11.08 -13.13 2.38
CA PRO A 108 -11.52 -14.54 2.30
C PRO A 108 -10.39 -15.49 1.85
N SER A 109 -9.44 -15.00 1.07
CA SER A 109 -8.57 -15.98 0.50
C SER A 109 -7.55 -16.44 1.58
N CYS A 110 -7.10 -15.47 2.42
CA CYS A 110 -6.29 -15.78 3.63
C CYS A 110 -7.12 -16.59 4.69
N GLU A 111 -8.40 -16.37 4.72
CA GLU A 111 -9.21 -16.99 5.70
C GLU A 111 -9.45 -18.50 5.34
N PHE A 112 -9.56 -18.77 4.04
CA PHE A 112 -9.67 -20.13 3.57
C PHE A 112 -8.36 -20.90 3.35
N PHE A 113 -7.26 -20.18 3.12
CA PHE A 113 -5.98 -20.80 2.84
C PHE A 113 -4.88 -20.12 3.69
N PRO A 114 -5.01 -20.16 5.04
CA PRO A 114 -4.11 -19.38 5.94
C PRO A 114 -2.72 -19.93 5.86
N VAL A 115 -2.59 -21.26 5.63
CA VAL A 115 -1.23 -21.77 5.37
C VAL A 115 -0.57 -21.06 4.20
N GLU A 116 -1.37 -20.77 3.18
CA GLU A 116 -0.88 -20.15 1.97
C GLU A 116 -0.47 -18.72 2.29
N ALA A 117 -1.25 -18.08 3.14
CA ALA A 117 -0.95 -16.72 3.61
C ALA A 117 0.30 -16.69 4.46
N VAL A 118 0.42 -17.69 5.32
CA VAL A 118 1.68 -17.88 6.07
C VAL A 118 2.90 -18.04 5.15
N LYS A 119 2.81 -18.99 4.21
CA LYS A 119 3.95 -19.24 3.28
C LYS A 119 4.32 -17.99 2.46
N THR A 120 3.28 -17.29 2.00
CA THR A 120 3.53 -16.09 1.21
C THR A 120 3.88 -14.83 1.99
N ASN A 121 3.04 -14.47 2.98
CA ASN A 121 3.20 -13.21 3.71
C ASN A 121 4.32 -13.17 4.73
N ILE A 122 4.55 -14.32 5.40
CA ILE A 122 5.44 -14.43 6.51
C ILE A 122 6.77 -15.12 6.09
N ILE A 123 6.71 -16.39 5.66
CA ILE A 123 7.94 -17.05 5.19
C ILE A 123 8.48 -16.40 3.94
N GLY A 124 7.56 -16.07 3.00
CA GLY A 124 7.94 -15.29 1.83
C GLY A 124 8.80 -14.05 2.20
N THR A 125 8.44 -13.25 3.23
CA THR A 125 9.20 -12.04 3.65
C THR A 125 10.56 -12.40 4.18
N GLU A 126 10.60 -13.47 5.01
CA GLU A 126 11.82 -14.04 5.54
C GLU A 126 12.79 -14.33 4.38
N ASN A 127 12.30 -15.07 3.39
CA ASN A 127 13.04 -15.35 2.11
C ASN A 127 13.60 -14.05 1.51
N VAL A 128 12.71 -13.08 1.28
CA VAL A 128 13.16 -11.80 0.74
C VAL A 128 14.29 -11.15 1.55
N LEU A 129 14.09 -11.05 2.87
CA LEU A 129 15.12 -10.44 3.71
C LEU A 129 16.45 -11.14 3.63
N GLN A 130 16.41 -12.46 3.71
CA GLN A 130 17.61 -13.28 3.73
C GLN A 130 18.39 -13.12 2.46
N SER A 131 17.64 -13.10 1.35
CA SER A 131 18.24 -13.00 0.05
C SER A 131 18.87 -11.59 -0.15
N ALA A 132 18.15 -10.57 0.29
CA ALA A 132 18.62 -9.18 0.17
C ALA A 132 19.87 -9.01 1.02
N ILE A 133 19.83 -9.58 2.22
CA ILE A 133 20.98 -9.49 3.13
C ILE A 133 22.24 -10.13 2.49
N HIS A 134 22.07 -11.34 1.96
N HIS A 134 22.03 -11.33 1.96
CA HIS A 134 23.14 -12.06 1.30
CA HIS A 134 23.03 -12.12 1.26
C HIS A 134 23.65 -11.32 0.08
C HIS A 134 23.61 -11.38 0.07
N GLN A 135 22.78 -10.63 -0.64
CA GLN A 135 23.21 -9.84 -1.80
C GLN A 135 23.71 -8.44 -1.44
N ASN A 136 23.80 -8.12 -0.15
CA ASN A 136 24.25 -6.77 0.27
C ASN A 136 23.37 -5.65 -0.23
N VAL A 137 22.09 -5.92 -0.44
CA VAL A 137 21.08 -4.92 -0.76
C VAL A 137 21.11 -3.84 0.33
N LYS A 138 21.08 -2.56 -0.02
CA LYS A 138 21.21 -1.52 0.99
C LYS A 138 20.00 -1.32 1.88
N LYS A 139 18.80 -1.51 1.32
CA LYS A 139 17.55 -1.17 2.01
C LYS A 139 16.41 -2.01 1.58
N VAL A 140 15.62 -2.50 2.53
CA VAL A 140 14.35 -3.19 2.18
C VAL A 140 13.24 -2.46 2.88
N ILE A 141 12.18 -2.10 2.14
CA ILE A 141 10.98 -1.48 2.73
C ILE A 141 9.84 -2.50 2.59
N CYS A 142 9.33 -3.03 3.69
CA CYS A 142 8.23 -4.04 3.63
C CYS A 142 6.88 -3.38 3.75
N LEU A 143 6.04 -3.46 2.73
CA LEU A 143 4.72 -2.81 2.84
C LEU A 143 3.77 -3.63 3.72
N SER A 144 3.14 -2.95 4.67
CA SER A 144 2.11 -3.54 5.46
C SER A 144 0.76 -2.79 5.37
N THR A 145 -0.20 -3.22 6.21
CA THR A 145 -1.55 -2.73 6.08
C THR A 145 -2.02 -2.18 7.43
N ASP A 146 -3.04 -1.30 7.39
CA ASP A 146 -3.70 -0.87 8.61
C ASP A 146 -4.21 -2.14 9.31
N GLU A 147 -4.47 -3.20 8.57
CA GLU A 147 -5.11 -4.35 9.24
C GLU A 147 -4.16 -5.13 10.14
N ALA A 148 -2.87 -4.81 10.05
CA ALA A 148 -1.94 -5.42 11.01
C ALA A 148 -2.06 -4.85 12.43
N ALA A 149 -2.64 -3.64 12.57
CA ALA A 149 -2.78 -2.99 13.87
C ALA A 149 -3.77 -3.72 14.80
N TYR A 150 -4.94 -4.11 14.37
CA TYR A 150 -5.68 -4.88 15.37
C TYR A 150 -6.06 -6.17 14.76
N PRO A 151 -5.07 -7.07 14.60
CA PRO A 151 -5.22 -8.16 13.65
C PRO A 151 -6.50 -8.84 14.05
N ILE A 152 -7.53 -8.81 13.21
CA ILE A 152 -8.70 -9.59 13.53
C ILE A 152 -8.90 -10.77 12.57
N ASN A 153 -8.51 -10.59 11.33
CA ASN A 153 -8.65 -11.65 10.35
C ASN A 153 -7.29 -12.28 9.95
N ALA A 154 -7.37 -13.41 9.25
CA ALA A 154 -6.20 -14.15 8.83
C ALA A 154 -5.29 -13.33 8.00
N MET A 155 -5.81 -12.43 7.17
CA MET A 155 -4.88 -11.64 6.32
C MET A 155 -4.12 -10.75 7.29
N GLY A 156 -4.87 -10.03 8.15
CA GLY A 156 -4.28 -9.10 9.14
C GLY A 156 -3.30 -9.73 10.13
N ILE A 157 -3.68 -10.87 10.67
CA ILE A 157 -2.80 -11.75 11.46
C ILE A 157 -1.47 -12.02 10.71
N SER A 158 -1.53 -12.53 9.47
CA SER A 158 -0.31 -12.80 8.69
C SER A 158 0.60 -11.57 8.51
N LYS A 159 -0.07 -10.44 8.28
CA LYS A 159 0.60 -9.16 8.15
C LYS A 159 1.27 -8.64 9.42
N ALA A 160 0.58 -8.72 10.54
CA ALA A 160 1.21 -8.40 11.84
C ALA A 160 2.45 -9.29 12.12
N MET A 161 2.34 -10.57 11.75
CA MET A 161 3.45 -11.50 11.91
C MET A 161 4.58 -11.19 10.96
N MET A 162 4.24 -10.77 9.76
CA MET A 162 5.25 -10.29 8.82
C MET A 162 6.05 -9.14 9.48
N GLU A 163 5.38 -8.20 10.16
CA GLU A 163 6.09 -7.02 10.73
C GLU A 163 7.02 -7.47 11.85
N LYS A 164 6.57 -8.46 12.67
CA LYS A 164 7.46 -9.03 13.70
C LYS A 164 8.73 -9.65 13.06
N VAL A 165 8.56 -10.36 11.92
CA VAL A 165 9.68 -10.94 11.07
C VAL A 165 10.68 -9.86 10.64
N PHE A 166 10.28 -8.81 9.95
CA PHE A 166 11.29 -7.78 9.57
C PHE A 166 11.83 -7.07 10.75
N VAL A 167 10.96 -6.77 11.74
CA VAL A 167 11.46 -6.07 12.95
C VAL A 167 12.54 -6.91 13.66
N ALA A 168 12.26 -8.23 13.86
CA ALA A 168 13.27 -9.14 14.42
C ALA A 168 14.57 -9.18 13.59
N LYS A 169 14.42 -9.35 12.26
CA LYS A 169 15.61 -9.42 11.44
C LYS A 169 16.45 -8.15 11.61
N SER A 170 15.80 -6.99 11.78
CA SER A 170 16.45 -5.70 11.71
C SER A 170 17.33 -5.55 12.94
N ARG A 171 17.00 -6.29 14.00
CA ARG A 171 17.80 -6.21 15.17
C ARG A 171 19.15 -6.89 15.01
N ASN A 172 19.23 -7.85 14.12
CA ASN A 172 20.37 -8.76 14.07
C ASN A 172 21.34 -8.38 12.98
N ILE A 173 20.94 -7.38 12.19
CA ILE A 173 21.66 -7.03 11.00
C ILE A 173 21.95 -5.57 11.13
N ARG A 174 23.20 -5.22 10.91
CA ARG A 174 23.64 -3.84 10.99
C ARG A 174 22.93 -2.99 9.93
N SER A 175 22.63 -1.74 10.29
CA SER A 175 21.93 -0.84 9.40
C SER A 175 22.73 -0.61 8.12
N GLU A 176 24.03 -0.35 8.32
N GLU A 176 24.02 -0.35 8.29
CA GLU A 176 24.99 -0.05 7.26
CA GLU A 176 24.89 -0.01 7.16
C GLU A 176 25.11 -1.16 6.24
C GLU A 176 25.15 -1.18 6.23
N GLN A 177 24.78 -2.37 6.69
CA GLN A 177 24.68 -3.54 5.84
C GLN A 177 23.39 -3.47 4.99
N THR A 178 22.28 -3.96 5.57
CA THR A 178 20.94 -3.84 5.02
C THR A 178 20.08 -3.11 6.09
N LEU A 179 19.41 -2.04 5.69
CA LEU A 179 18.40 -1.39 6.49
C LEU A 179 17.06 -2.07 6.16
N ILE A 180 16.29 -2.39 7.18
CA ILE A 180 15.01 -3.11 7.00
C ILE A 180 13.97 -2.36 7.82
N CYS A 181 12.91 -1.93 7.12
CA CYS A 181 11.81 -1.17 7.73
C CYS A 181 10.55 -1.49 6.93
N GLY A 182 9.40 -0.94 7.35
CA GLY A 182 8.15 -1.11 6.65
C GLY A 182 7.22 0.06 6.85
N THR A 183 6.11 0.01 6.14
CA THR A 183 5.12 1.07 6.12
C THR A 183 3.78 0.44 6.34
N ARG A 184 2.81 1.23 6.80
CA ARG A 184 1.42 0.81 6.69
C ARG A 184 0.64 1.89 5.99
N TYR A 185 -0.23 1.45 5.10
CA TYR A 185 -1.32 2.32 4.67
C TYR A 185 -2.54 1.47 4.47
N GLY A 186 -3.70 2.13 4.37
CA GLY A 186 -4.99 1.44 4.34
C GLY A 186 -5.60 1.45 2.95
N ASN A 187 -6.90 1.79 2.86
CA ASN A 187 -7.60 2.04 1.58
C ASN A 187 -6.86 3.09 0.74
N VAL A 188 -6.65 2.77 -0.53
CA VAL A 188 -6.20 3.75 -1.53
C VAL A 188 -7.43 4.21 -2.36
N MET A 189 -7.65 5.52 -2.46
CA MET A 189 -8.84 5.96 -3.17
C MET A 189 -8.78 5.49 -4.61
N ALA A 190 -9.93 5.03 -5.11
CA ALA A 190 -10.09 4.57 -6.49
C ALA A 190 -9.29 3.30 -6.86
N SER A 191 -8.68 2.65 -5.88
CA SER A 191 -8.06 1.35 -6.11
C SER A 191 -9.16 0.27 -6.02
N ARG A 192 -8.76 -0.98 -6.26
N ARG A 192 -8.79 -0.98 -6.32
CA ARG A 192 -9.62 -2.17 -6.25
CA ARG A 192 -9.72 -2.11 -6.26
C ARG A 192 -10.69 -2.17 -5.13
C ARG A 192 -10.73 -1.96 -5.12
N GLY A 193 -10.24 -1.99 -3.88
CA GLY A 193 -11.11 -1.95 -2.69
C GLY A 193 -11.76 -0.63 -2.32
N SER A 194 -11.69 0.34 -3.22
CA SER A 194 -12.16 1.65 -2.91
C SER A 194 -13.61 1.68 -3.32
N VAL A 195 -14.37 2.50 -2.64
CA VAL A 195 -15.81 2.57 -2.93
C VAL A 195 -16.02 3.56 -4.10
N ILE A 196 -15.06 4.48 -4.31
CA ILE A 196 -15.09 5.44 -5.43
C ILE A 196 -15.47 4.84 -6.83
N PRO A 197 -14.81 3.74 -7.29
CA PRO A 197 -15.22 3.26 -8.61
C PRO A 197 -16.64 2.67 -8.67
N LEU A 198 -17.07 2.02 -7.59
CA LEU A 198 -18.46 1.62 -7.46
C LEU A 198 -19.41 2.88 -7.48
N PHE A 199 -19.10 3.94 -6.73
CA PHE A 199 -19.97 5.13 -6.76
C PHE A 199 -20.08 5.75 -8.14
N ILE A 200 -18.95 5.95 -8.79
CA ILE A 200 -18.90 6.56 -10.13
C ILE A 200 -19.66 5.71 -11.17
N ASP A 201 -19.53 4.39 -11.08
CA ASP A 201 -20.30 3.43 -11.91
C ASP A 201 -21.78 3.70 -11.81
N LYS A 202 -22.26 3.72 -10.57
CA LYS A 202 -23.65 3.97 -10.21
C LYS A 202 -24.17 5.31 -10.73
N ILE A 203 -23.32 6.36 -10.65
CA ILE A 203 -23.62 7.68 -11.27
C ILE A 203 -23.88 7.52 -12.78
N LYS A 204 -22.85 7.08 -13.51
CA LYS A 204 -22.93 6.80 -14.94
C LYS A 204 -24.09 5.86 -15.30
N ALA A 205 -24.41 4.91 -14.42
CA ALA A 205 -25.51 3.94 -14.62
C ALA A 205 -26.93 4.51 -14.37
N GLY A 206 -27.01 5.69 -13.76
CA GLY A 206 -28.29 6.29 -13.39
C GLY A 206 -28.90 5.52 -12.23
N GLU A 207 -28.03 4.94 -11.41
CA GLU A 207 -28.43 4.05 -10.34
C GLU A 207 -28.33 4.78 -9.03
N PRO A 208 -29.03 4.27 -7.98
CA PRO A 208 -28.77 4.77 -6.63
C PRO A 208 -27.36 4.39 -6.14
N LEU A 209 -26.82 5.17 -5.20
CA LEU A 209 -25.57 4.85 -4.53
C LEU A 209 -26.00 4.29 -3.18
N THR A 210 -25.55 3.06 -2.89
CA THR A 210 -25.91 2.36 -1.66
C THR A 210 -24.81 2.51 -0.62
N ILE A 211 -25.21 3.08 0.51
CA ILE A 211 -24.35 3.23 1.65
C ILE A 211 -24.93 2.33 2.73
N THR A 212 -24.05 1.73 3.53
CA THR A 212 -24.50 0.97 4.68
C THR A 212 -24.42 1.90 5.90
N ASP A 213 -23.21 2.21 6.35
CA ASP A 213 -22.98 3.23 7.40
C ASP A 213 -22.38 4.51 6.79
N PRO A 214 -23.17 5.60 6.78
CA PRO A 214 -22.67 6.83 6.12
C PRO A 214 -21.50 7.52 6.86
N ASP A 215 -21.38 7.23 8.16
CA ASP A 215 -20.30 7.80 8.97
C ASP A 215 -19.12 6.86 9.10
N MET A 216 -19.19 5.66 8.52
CA MET A 216 -17.99 4.83 8.43
C MET A 216 -16.88 5.70 7.79
N THR A 217 -15.64 5.58 8.25
CA THR A 217 -14.55 6.49 7.80
C THR A 217 -13.34 5.75 7.22
N ARG A 218 -12.66 6.38 6.26
CA ARG A 218 -11.35 5.94 5.76
C ARG A 218 -10.44 7.12 5.72
N PHE A 219 -9.17 6.86 6.00
CA PHE A 219 -8.12 7.83 5.72
C PHE A 219 -8.18 8.14 4.22
N LEU A 220 -7.77 9.35 3.83
CA LEU A 220 -7.73 9.74 2.42
C LEU A 220 -6.30 9.68 1.84
N MET A 221 -6.07 8.67 1.02
CA MET A 221 -4.75 8.28 0.55
C MET A 221 -4.94 8.00 -0.91
N SER A 222 -4.21 8.70 -1.76
CA SER A 222 -4.20 8.32 -3.13
C SER A 222 -3.01 7.41 -3.34
N LEU A 223 -2.86 7.00 -4.58
CA LEU A 223 -1.83 6.11 -4.99
C LEU A 223 -0.46 6.76 -4.90
N GLU A 224 -0.40 8.01 -5.27
CA GLU A 224 0.77 8.81 -5.14
C GLU A 224 1.22 9.06 -3.72
N ASP A 225 0.26 9.10 -2.80
CA ASP A 225 0.50 9.28 -1.37
C ASP A 225 1.21 8.07 -0.86
N ALA A 226 0.62 6.89 -1.13
CA ALA A 226 1.23 5.63 -0.81
C ALA A 226 2.68 5.51 -1.33
N VAL A 227 2.90 5.84 -2.61
CA VAL A 227 4.25 5.74 -3.17
C VAL A 227 5.18 6.73 -2.40
N GLU A 228 4.65 7.93 -2.13
CA GLU A 228 5.37 8.94 -1.32
C GLU A 228 5.67 8.40 0.06
N LEU A 229 4.75 7.61 0.66
CA LEU A 229 5.07 7.05 1.96
C LEU A 229 6.31 6.08 1.93
N VAL A 230 6.39 5.26 0.91
CA VAL A 230 7.42 4.24 0.85
C VAL A 230 8.74 4.96 0.58
N VAL A 231 8.66 5.96 -0.30
CA VAL A 231 9.77 6.82 -0.58
C VAL A 231 10.28 7.50 0.71
N HIS A 232 9.38 8.01 1.52
CA HIS A 232 9.75 8.57 2.81
C HIS A 232 10.51 7.62 3.71
N ALA A 233 9.96 6.43 3.94
CA ALA A 233 10.67 5.42 4.70
C ALA A 233 12.01 5.15 4.03
N PHE A 234 12.00 5.01 2.71
CA PHE A 234 13.22 4.80 1.94
C PHE A 234 14.28 5.83 2.33
N LYS A 235 13.88 7.08 2.52
CA LYS A 235 14.85 8.13 2.78
C LYS A 235 15.18 8.27 4.23
N HIS A 236 14.20 8.07 5.11
CA HIS A 236 14.34 8.57 6.48
C HIS A 236 14.17 7.56 7.59
N ALA A 237 13.57 6.39 7.31
CA ALA A 237 13.35 5.37 8.36
C ALA A 237 14.68 4.86 8.89
N GLU A 238 14.75 4.59 10.20
CA GLU A 238 15.80 3.74 10.79
C GLU A 238 15.41 2.30 10.60
N THR A 239 16.38 1.41 10.71
CA THR A 239 16.11 -0.02 10.61
C THR A 239 15.19 -0.45 11.78
N GLY A 240 14.24 -1.33 11.48
CA GLY A 240 13.22 -1.72 12.49
C GLY A 240 11.99 -0.84 12.57
N ASP A 241 12.03 0.35 11.97
CA ASP A 241 10.93 1.31 11.99
C ASP A 241 9.72 0.85 11.22
N ILE A 242 8.51 1.11 11.76
CA ILE A 242 7.26 1.12 10.98
C ILE A 242 6.91 2.59 10.73
N MET A 243 6.64 2.95 9.47
CA MET A 243 6.36 4.37 9.08
C MET A 243 4.92 4.48 8.57
N VAL A 244 4.24 5.54 9.00
CA VAL A 244 2.85 5.77 8.62
C VAL A 244 2.67 7.22 8.21
N GLN A 245 1.93 7.47 7.12
CA GLN A 245 1.64 8.84 6.65
C GLN A 245 0.43 9.46 7.34
N LYS A 246 0.59 10.69 7.83
CA LYS A 246 -0.52 11.47 8.35
C LYS A 246 -1.44 11.81 7.20
N ALA A 247 -2.72 11.60 7.42
CA ALA A 247 -3.70 11.82 6.36
C ALA A 247 -5.02 12.20 7.00
N PRO A 248 -5.78 13.11 6.33
CA PRO A 248 -7.14 13.42 6.79
C PRO A 248 -8.02 12.21 6.51
N SER A 249 -9.24 12.26 6.93
CA SER A 249 -10.16 11.23 6.53
C SER A 249 -11.42 11.90 5.98
N SER A 250 -12.43 11.07 5.66
CA SER A 250 -13.79 11.53 5.41
C SER A 250 -14.75 10.39 5.66
N THR A 251 -15.98 10.71 6.08
CA THR A 251 -17.07 9.73 6.11
C THR A 251 -17.36 9.35 4.66
N VAL A 252 -18.06 8.24 4.46
CA VAL A 252 -18.42 7.79 3.12
C VAL A 252 -19.64 8.54 2.60
N GLY A 253 -20.54 8.92 3.49
CA GLY A 253 -21.64 9.81 3.13
C GLY A 253 -21.14 11.11 2.50
N ASP A 254 -20.18 11.77 3.17
CA ASP A 254 -19.55 13.02 2.68
C ASP A 254 -18.88 12.72 1.33
N LEU A 255 -18.25 11.55 1.21
CA LEU A 255 -17.63 11.20 -0.06
C LEU A 255 -18.63 10.98 -1.19
N ALA A 256 -19.77 10.34 -0.90
CA ALA A 256 -20.84 10.12 -1.88
C ALA A 256 -21.41 11.48 -2.29
N THR A 257 -21.65 12.37 -1.33
CA THR A 257 -22.03 13.75 -1.66
C THR A 257 -20.99 14.50 -2.53
N ALA A 258 -19.70 14.41 -2.20
CA ALA A 258 -18.66 15.11 -2.98
C ALA A 258 -18.67 14.66 -4.46
N LEU A 259 -18.76 13.35 -4.69
CA LEU A 259 -18.85 12.80 -6.04
C LEU A 259 -20.10 13.26 -6.82
N LEU A 260 -21.29 13.13 -6.24
CA LEU A 260 -22.53 13.58 -6.90
C LEU A 260 -22.38 15.00 -7.39
N GLU A 261 -21.84 15.87 -6.51
CA GLU A 261 -21.60 17.27 -6.84
C GLU A 261 -20.60 17.42 -7.98
N LEU A 262 -19.44 16.77 -7.88
CA LEU A 262 -18.41 16.79 -8.94
C LEU A 262 -19.01 16.48 -10.32
N PHE A 263 -19.78 15.40 -10.39
CA PHE A 263 -20.44 14.94 -11.60
C PHE A 263 -21.74 15.69 -11.90
N GLU A 264 -22.03 16.73 -11.11
CA GLU A 264 -23.31 17.46 -11.20
C GLU A 264 -24.45 16.48 -11.43
N ALA A 265 -24.49 15.46 -10.58
CA ALA A 265 -25.44 14.36 -10.69
C ALA A 265 -26.38 14.33 -9.48
N ASP A 266 -27.55 13.74 -9.68
CA ASP A 266 -28.63 13.77 -8.67
C ASP A 266 -29.18 12.41 -8.26
N ASN A 267 -28.37 11.37 -8.40
CA ASN A 267 -28.76 10.01 -8.08
C ASN A 267 -29.14 9.84 -6.61
N ALA A 268 -30.30 9.25 -6.33
CA ALA A 268 -30.70 8.89 -4.93
C ALA A 268 -29.59 8.15 -4.13
N ILE A 269 -29.21 8.72 -2.98
CA ILE A 269 -28.40 8.01 -1.99
C ILE A 269 -29.30 7.11 -1.14
N GLU A 270 -29.15 5.78 -1.24
CA GLU A 270 -29.93 4.83 -0.41
C GLU A 270 -29.12 4.33 0.80
N ILE A 271 -29.36 4.93 1.97
CA ILE A 271 -28.70 4.53 3.22
C ILE A 271 -29.42 3.33 3.82
N ILE A 272 -28.67 2.27 4.12
CA ILE A 272 -29.26 0.95 4.30
C ILE A 272 -28.91 0.31 5.66
N GLY A 273 -28.11 1.02 6.45
CA GLY A 273 -27.70 0.54 7.75
C GLY A 273 -26.47 -0.33 7.61
N THR A 274 -25.65 -0.36 8.67
CA THR A 274 -24.50 -1.28 8.82
C THR A 274 -24.76 -2.72 8.32
N ARG A 275 -23.89 -3.17 7.41
CA ARG A 275 -23.74 -4.60 7.15
C ARG A 275 -22.94 -5.11 8.36
N HIS A 276 -23.57 -5.98 9.15
CA HIS A 276 -23.08 -6.35 10.48
C HIS A 276 -21.75 -7.02 10.46
N GLY A 277 -20.68 -6.23 10.54
CA GLY A 277 -19.34 -6.77 10.63
C GLY A 277 -18.30 -5.97 9.88
N GLU A 278 -18.75 -5.04 9.04
CA GLU A 278 -17.90 -4.14 8.19
C GLU A 278 -16.88 -3.29 8.98
N LYS A 279 -15.76 -2.91 8.35
CA LYS A 279 -14.82 -2.03 9.07
C LYS A 279 -15.30 -0.57 9.13
N LYS A 280 -15.68 -0.15 10.34
CA LYS A 280 -16.17 1.19 10.65
C LYS A 280 -15.16 2.31 10.42
N ALA A 281 -13.89 2.06 10.74
CA ALA A 281 -12.83 3.07 10.61
C ALA A 281 -11.51 2.37 10.28
N GLU A 282 -10.46 3.13 10.00
CA GLU A 282 -9.15 2.52 9.78
C GLU A 282 -8.20 2.92 10.88
N THR A 283 -7.61 1.92 11.55
CA THR A 283 -6.57 2.13 12.57
C THR A 283 -5.16 1.97 11.98
N LEU A 284 -4.41 3.06 11.93
CA LEU A 284 -3.05 2.98 11.45
C LEU A 284 -2.07 2.74 12.59
N LEU A 285 -2.34 3.30 13.76
CA LEU A 285 -1.50 3.08 14.96
C LEU A 285 -2.39 2.68 16.13
N THR A 286 -1.98 1.66 16.87
CA THR A 286 -2.66 1.30 18.12
C THR A 286 -2.30 2.29 19.23
N ARG A 287 -3.09 2.26 20.32
CA ARG A 287 -2.83 3.05 21.54
C ARG A 287 -1.38 2.88 21.92
N GLU A 288 -0.99 1.62 21.99
CA GLU A 288 0.38 1.21 22.30
C GLU A 288 1.44 1.82 21.38
N GLU A 289 1.19 1.81 20.07
CA GLU A 289 2.17 2.27 19.10
C GLU A 289 2.20 3.79 19.05
N TYR A 290 1.01 4.38 19.12
CA TYR A 290 0.91 5.83 19.09
C TYR A 290 1.59 6.38 20.31
N ALA A 291 1.43 5.71 21.45
CA ALA A 291 2.14 6.09 22.68
C ALA A 291 3.67 6.04 22.51
N GLN A 292 4.17 5.11 21.70
CA GLN A 292 5.61 5.00 21.45
C GLN A 292 6.12 5.83 20.27
N CYS A 293 5.25 6.38 19.43
CA CYS A 293 5.75 6.86 18.13
C CYS A 293 6.47 8.20 18.21
N GLU A 294 7.26 8.50 17.18
CA GLU A 294 7.74 9.82 16.97
C GLU A 294 6.91 10.50 15.91
N ASP A 295 6.42 11.69 16.26
CA ASP A 295 5.80 12.58 15.31
C ASP A 295 6.92 13.16 14.47
N MET A 296 6.88 12.94 13.15
CA MET A 296 7.97 13.44 12.30
C MET A 296 7.57 14.66 11.45
N GLY A 297 6.40 15.24 11.68
CA GLY A 297 5.94 16.27 10.77
C GLY A 297 4.76 15.78 9.94
N ASP A 298 5.00 15.12 8.81
CA ASP A 298 3.93 14.53 8.00
C ASP A 298 3.72 13.01 8.18
N TYR A 299 4.50 12.42 9.08
CA TYR A 299 4.56 10.96 9.30
C TYR A 299 4.75 10.66 10.79
N PHE A 300 4.18 9.55 11.24
CA PHE A 300 4.55 8.96 12.54
C PHE A 300 5.53 7.81 12.30
N ARG A 301 6.42 7.60 13.27
CA ARG A 301 7.40 6.57 13.19
C ARG A 301 7.34 5.74 14.47
N VAL A 302 7.15 4.43 14.35
CA VAL A 302 7.21 3.50 15.48
C VAL A 302 8.58 2.78 15.47
N PRO A 303 9.52 3.20 16.36
CA PRO A 303 10.81 2.49 16.42
C PRO A 303 10.68 1.03 16.92
N ALA A 304 11.53 0.15 16.42
CA ALA A 304 11.60 -1.22 16.90
C ALA A 304 11.76 -1.18 18.43
N ASP A 305 10.95 -2.02 19.08
CA ASP A 305 10.92 -2.12 20.53
C ASP A 305 11.51 -3.43 21.05
N TYR A 326 -6.05 8.37 21.97
CA TYR A 326 -5.21 7.26 22.29
C TYR A 326 -4.61 6.57 21.03
N GLU A 327 -5.43 5.89 20.25
CA GLU A 327 -4.96 5.32 18.95
C GLU A 327 -5.08 6.27 17.75
N TYR A 328 -4.23 6.13 16.72
CA TYR A 328 -4.37 6.92 15.46
C TYR A 328 -5.26 6.21 14.45
N ASN A 329 -6.44 6.75 14.20
CA ASN A 329 -7.45 6.12 13.34
C ASN A 329 -8.18 7.19 12.56
N SER A 330 -9.08 6.78 11.66
CA SER A 330 -9.68 7.68 10.69
C SER A 330 -10.79 8.53 11.28
N ASP A 331 -11.29 8.12 12.45
CA ASP A 331 -12.27 8.92 13.20
C ASP A 331 -11.65 10.09 13.95
N ASN A 332 -10.46 9.88 14.50
CA ASN A 332 -9.82 10.98 15.16
C ASN A 332 -8.67 11.59 14.37
N THR A 333 -8.87 11.79 13.07
CA THR A 333 -8.01 12.73 12.35
C THR A 333 -8.80 13.95 11.92
N HIS A 334 -8.15 14.80 11.13
CA HIS A 334 -8.81 15.90 10.51
C HIS A 334 -9.76 15.28 9.51
N ILE A 335 -11.06 15.45 9.76
CA ILE A 335 -12.13 14.99 8.88
C ILE A 335 -12.56 16.12 7.90
N LEU A 336 -12.82 15.77 6.66
CA LEU A 336 -12.88 16.74 5.58
C LEU A 336 -14.31 17.13 5.27
N THR A 337 -14.52 18.42 4.98
CA THR A 337 -15.80 18.90 4.48
C THR A 337 -15.99 18.35 3.08
N VAL A 338 -17.24 18.33 2.63
CA VAL A 338 -17.61 17.89 1.28
C VAL A 338 -16.73 18.63 0.27
N GLU A 339 -16.47 19.90 0.56
CA GLU A 339 -15.72 20.75 -0.34
C GLU A 339 -14.26 20.38 -0.42
N GLU A 340 -13.60 20.21 0.72
CA GLU A 340 -12.25 19.69 0.71
C GLU A 340 -12.16 18.27 0.07
N ILE A 341 -13.19 17.42 0.27
CA ILE A 341 -13.20 16.06 -0.31
C ILE A 341 -13.15 16.14 -1.84
N LYS A 342 -13.94 17.08 -2.40
CA LYS A 342 -13.94 17.36 -3.84
C LYS A 342 -12.55 17.72 -4.37
N GLU A 343 -11.81 18.50 -3.58
CA GLU A 343 -10.47 18.93 -3.94
C GLU A 343 -9.49 17.75 -3.99
N LYS A 344 -9.57 16.84 -3.03
CA LYS A 344 -8.73 15.63 -2.97
C LYS A 344 -9.03 14.73 -4.17
N LEU A 345 -10.33 14.40 -4.34
CA LEU A 345 -10.85 13.59 -5.44
C LEU A 345 -10.31 14.03 -6.83
N LEU A 346 -10.11 15.34 -6.98
CA LEU A 346 -9.78 15.96 -8.23
C LEU A 346 -8.28 15.84 -8.53
N THR A 347 -7.48 15.57 -7.49
CA THR A 347 -6.05 15.29 -7.65
C THR A 347 -5.88 13.80 -8.12
N LEU A 348 -7.00 13.05 -8.20
CA LEU A 348 -7.03 11.65 -8.63
C LEU A 348 -7.20 11.52 -10.13
N GLU A 349 -6.24 10.89 -10.78
CA GLU A 349 -6.35 10.61 -12.21
C GLU A 349 -7.59 9.84 -12.61
N TYR A 350 -7.91 8.80 -11.84
CA TYR A 350 -9.05 7.96 -12.15
C TYR A 350 -10.32 8.78 -12.13
N VAL A 351 -10.36 9.77 -11.24
CA VAL A 351 -11.53 10.63 -11.08
C VAL A 351 -11.60 11.67 -12.22
N ARG A 352 -10.43 12.21 -12.60
CA ARG A 352 -10.38 13.17 -13.69
C ARG A 352 -10.82 12.53 -15.02
N ASN A 353 -10.41 11.30 -15.27
CA ASN A 353 -10.81 10.59 -16.48
C ASN A 353 -12.27 10.29 -16.55
N GLU A 354 -12.86 9.81 -15.44
CA GLU A 354 -14.30 9.63 -15.38
C GLU A 354 -15.05 10.92 -15.63
N LEU A 355 -14.55 12.04 -15.10
CA LEU A 355 -15.25 13.33 -15.13
C LEU A 355 -15.30 13.94 -16.54
N ASN A 356 -14.20 13.84 -17.29
CA ASN A 356 -14.20 14.21 -18.72
C ASN A 356 -15.16 13.38 -19.56
N ASP A 357 -15.03 12.05 -19.45
CA ASP A 357 -15.76 11.13 -20.31
C ASP A 357 -17.29 11.17 -20.15
N TYR A 358 -17.75 11.89 -19.13
CA TYR A 358 -19.13 11.85 -18.69
C TYR A 358 -20.00 13.06 -19.11
#